data_5D8K
#
_entry.id   5D8K
#
_cell.length_a   84.883
_cell.length_b   39.631
_cell.length_c   39.393
_cell.angle_alpha   90.00
_cell.angle_beta   91.43
_cell.angle_gamma   90.00
#
_symmetry.space_group_name_H-M   'C 1 2 1'
#
loop_
_entity.id
_entity.type
_entity.pdbx_description
1 polymer "DNA (5'-D(*GP*GP*TP*TP*CP*TP*AP*GP*AP*AP*CP*C)-3')"
2 polymer 'Heat shock factor protein 2'
3 water water
#
loop_
_entity_poly.entity_id
_entity_poly.type
_entity_poly.pdbx_seq_one_letter_code
_entity_poly.pdbx_strand_id
1 'polydeoxyribonucleotide' (DG)(DG)(DT)(DT)(DC)(DT)(DA)(DG)(DA)(DA)(DC)(DC) A
2 'polypeptide(L)'
;HMPAFLSKLWTLVEETHTNEFITWSQNGQSFLVLDEQRFAKEILPKYFKHNNMASFVRQLNMYGFRKVVHIDSGIVKQER
DGPVEFQHPYFKQGQDDLLENIKRKVSSSK
;
B
#
# COMPACT_ATOMS: atom_id res chain seq x y z
N HIS B 1 9.78 4.29 19.40
CA HIS B 1 8.98 3.12 19.05
C HIS B 1 8.37 3.40 17.69
N MET B 2 8.35 2.39 16.84
CA MET B 2 7.87 2.57 15.46
C MET B 2 6.38 2.97 15.44
N PRO B 3 6.03 3.99 14.64
CA PRO B 3 4.61 4.38 14.50
C PRO B 3 3.75 3.19 14.11
N ALA B 4 2.57 3.08 14.72
CA ALA B 4 1.69 1.94 14.49
C ALA B 4 1.37 1.81 13.01
N PHE B 5 1.19 2.94 12.33
CA PHE B 5 0.83 2.86 10.93
C PHE B 5 1.88 2.07 10.16
N LEU B 6 3.15 2.33 10.44
CA LEU B 6 4.21 1.70 9.65
C LEU B 6 4.39 0.24 10.00
N SER B 7 4.22 -0.07 11.29
CA SER B 7 4.30 -1.43 11.76
C SER B 7 3.18 -2.27 11.11
N LYS B 8 1.99 -1.70 11.05
CA LYS B 8 0.81 -2.38 10.52
C LYS B 8 0.91 -2.50 9.01
N LEU B 9 1.43 -1.47 8.37
CA LEU B 9 1.61 -1.50 6.92
C LEU B 9 2.62 -2.58 6.56
N TRP B 10 3.70 -2.67 7.32
CA TRP B 10 4.71 -3.69 7.03
C TRP B 10 4.11 -5.07 7.18
N THR B 11 3.40 -5.25 8.28
CA THR B 11 2.74 -6.50 8.56
C THR B 11 1.78 -6.88 7.43
N LEU B 12 0.93 -5.93 7.03
CA LEU B 12 -0.03 -6.16 5.97
C LEU B 12 0.65 -6.63 4.68
N VAL B 13 1.70 -5.92 4.29
CA VAL B 13 2.35 -6.20 3.04
C VAL B 13 3.05 -7.53 3.10
N GLU B 14 3.85 -7.73 4.14
CA GLU B 14 4.65 -8.94 4.32
C GLU B 14 3.85 -10.24 4.56
N GLU B 15 2.70 -10.12 5.23
CA GLU B 15 1.93 -11.31 5.55
C GLU B 15 1.39 -12.02 4.31
N THR B 16 1.62 -13.33 4.20
CA THR B 16 1.24 -14.04 2.98
C THR B 16 -0.28 -14.14 2.82
N HIS B 17 -0.97 -14.26 3.95
CA HIS B 17 -2.40 -14.53 3.92
C HIS B 17 -3.20 -13.31 3.47
N THR B 18 -2.55 -12.15 3.35
CA THR B 18 -3.25 -10.97 2.86
C THR B 18 -2.87 -10.68 1.41
N ASN B 19 -2.06 -11.56 0.81
CA ASN B 19 -1.45 -11.24 -0.48
C ASN B 19 -2.45 -11.13 -1.63
N GLU B 20 -3.67 -11.68 -1.48
CA GLU B 20 -4.71 -11.42 -2.47
C GLU B 20 -5.03 -9.94 -2.60
N PHE B 21 -4.85 -9.23 -1.49
CA PHE B 21 -5.29 -7.84 -1.36
C PHE B 21 -4.17 -6.86 -1.32
N ILE B 22 -3.09 -7.20 -0.60
CA ILE B 22 -1.97 -6.26 -0.46
C ILE B 22 -0.67 -7.09 -0.35
N THR B 23 0.30 -6.76 -1.19
CA THR B 23 1.50 -7.58 -1.34
C THR B 23 2.66 -6.76 -1.90
N TRP B 24 3.90 -7.22 -1.74
CA TRP B 24 5.02 -6.57 -2.41
C TRP B 24 4.85 -6.64 -3.92
N SER B 25 5.30 -5.59 -4.61
CA SER B 25 5.42 -5.67 -6.06
C SER B 25 6.54 -6.64 -6.41
N GLN B 26 6.65 -7.01 -7.68
CA GLN B 26 7.57 -8.09 -8.04
C GLN B 26 9.05 -7.88 -7.79
N ASN B 27 9.53 -6.65 -7.64
CA ASN B 27 10.97 -6.47 -7.37
C ASN B 27 11.19 -5.89 -5.94
N GLY B 28 10.13 -5.90 -5.15
CA GLY B 28 10.19 -5.56 -3.75
C GLY B 28 10.46 -4.08 -3.52
N GLN B 29 10.19 -3.24 -4.52
CA GLN B 29 10.51 -1.81 -4.46
C GLN B 29 9.30 -0.94 -4.12
N SER B 30 8.14 -1.58 -4.01
CA SER B 30 6.86 -0.92 -3.80
C SER B 30 5.87 -1.97 -3.31
N PHE B 31 4.64 -1.56 -3.02
CA PHE B 31 3.62 -2.52 -2.66
C PHE B 31 2.38 -2.22 -3.46
N LEU B 32 1.54 -3.24 -3.57
CA LEU B 32 0.38 -3.24 -4.44
C LEU B 32 -0.85 -3.48 -3.59
N VAL B 33 -1.93 -2.79 -3.92
CA VAL B 33 -3.25 -3.13 -3.41
C VAL B 33 -3.98 -3.64 -4.62
N LEU B 34 -4.29 -4.93 -4.61
CA LEU B 34 -4.79 -5.59 -5.81
C LEU B 34 -6.31 -5.53 -5.98
N ASP B 35 -7.03 -5.53 -4.86
CA ASP B 35 -8.50 -5.48 -4.88
C ASP B 35 -8.86 -4.38 -3.89
N GLU B 36 -8.85 -3.13 -4.34
CA GLU B 36 -9.07 -2.01 -3.47
C GLU B 36 -10.39 -2.16 -2.69
N GLN B 37 -11.48 -2.61 -3.32
CA GLN B 37 -12.76 -2.59 -2.63
C GLN B 37 -12.80 -3.63 -1.53
N ARG B 38 -12.30 -4.84 -1.80
CA ARG B 38 -12.29 -5.85 -0.74
C ARG B 38 -11.17 -5.60 0.28
N PHE B 39 -10.03 -5.06 -0.13
CA PHE B 39 -9.02 -4.64 0.82
C PHE B 39 -9.63 -3.70 1.86
N ALA B 40 -10.38 -2.71 1.39
CA ALA B 40 -10.86 -1.69 2.31
C ALA B 40 -11.92 -2.26 3.27
N LYS B 41 -12.81 -3.10 2.77
CA LYS B 41 -13.91 -3.51 3.62
C LYS B 41 -13.53 -4.71 4.47
N GLU B 42 -12.67 -5.58 3.96
CA GLU B 42 -12.37 -6.81 4.67
C GLU B 42 -11.05 -6.76 5.46
N ILE B 43 -10.07 -6.02 4.96
CA ILE B 43 -8.77 -6.03 5.59
C ILE B 43 -8.52 -4.78 6.46
N LEU B 44 -8.77 -3.59 5.95
CA LEU B 44 -8.45 -2.38 6.75
C LEU B 44 -9.01 -2.40 8.17
N PRO B 45 -10.29 -2.80 8.37
CA PRO B 45 -10.85 -2.68 9.73
C PRO B 45 -10.36 -3.71 10.74
N LYS B 46 -9.57 -4.67 10.28
CA LYS B 46 -8.93 -5.64 11.14
C LYS B 46 -7.67 -5.03 11.76
N TYR B 47 -7.16 -3.99 11.11
CA TYR B 47 -5.90 -3.37 11.49
C TYR B 47 -6.04 -1.93 11.99
N PHE B 48 -7.06 -1.23 11.50
CA PHE B 48 -7.22 0.20 11.77
C PHE B 48 -8.63 0.41 12.28
N LYS B 49 -8.99 1.63 12.69
CA LYS B 49 -10.36 1.86 13.18
CA LYS B 49 -10.35 1.85 13.18
C LYS B 49 -11.22 2.52 12.09
N HIS B 50 -11.03 2.05 10.86
CA HIS B 50 -11.88 2.46 9.76
C HIS B 50 -11.80 1.43 8.64
N ASN B 51 -12.67 1.60 7.65
CA ASN B 51 -12.65 0.79 6.42
C ASN B 51 -12.67 1.63 5.17
N ASN B 52 -11.93 2.73 5.23
CA ASN B 52 -11.88 3.69 4.13
C ASN B 52 -10.51 3.74 3.47
N MET B 53 -10.45 3.32 2.20
CA MET B 53 -9.23 3.47 1.40
C MET B 53 -8.67 4.88 1.47
N ALA B 54 -9.53 5.89 1.44
CA ALA B 54 -9.05 7.29 1.43
C ALA B 54 -8.27 7.61 2.69
N SER B 55 -8.66 7.02 3.81
CA SER B 55 -8.00 7.29 5.08
C SER B 55 -6.67 6.54 5.16
N PHE B 56 -6.62 5.36 4.55
CA PHE B 56 -5.38 4.61 4.40
C PHE B 56 -4.38 5.39 3.52
N VAL B 57 -4.87 5.90 2.39
CA VAL B 57 -4.06 6.68 1.47
C VAL B 57 -3.61 7.98 2.11
N ARG B 58 -4.46 8.61 2.90
CA ARG B 58 -4.01 9.80 3.59
C ARG B 58 -2.77 9.52 4.50
N GLN B 59 -2.79 8.42 5.23
CA GLN B 59 -1.66 8.00 6.05
C GLN B 59 -0.43 7.70 5.19
N LEU B 60 -0.62 7.00 4.08
CA LEU B 60 0.50 6.74 3.15
C LEU B 60 1.18 8.06 2.77
N ASN B 61 0.39 9.03 2.31
CA ASN B 61 0.98 10.31 1.90
C ASN B 61 1.56 11.05 3.10
N MET B 62 0.91 10.95 4.26
CA MET B 62 1.44 11.57 5.49
C MET B 62 2.85 11.11 5.85
N TYR B 63 3.15 9.85 5.54
CA TYR B 63 4.46 9.28 5.85
C TYR B 63 5.38 9.30 4.62
N GLY B 64 5.03 10.07 3.60
CA GLY B 64 5.94 10.27 2.45
C GLY B 64 5.84 9.28 1.30
N PHE B 65 4.93 8.33 1.40
CA PHE B 65 4.67 7.42 0.28
C PHE B 65 4.06 8.18 -0.87
N ARG B 66 4.41 7.78 -2.10
CA ARG B 66 3.83 8.34 -3.30
C ARG B 66 3.23 7.22 -4.17
N LYS B 67 2.18 7.56 -4.87
CA LYS B 67 1.57 6.62 -5.79
C LYS B 67 2.43 6.48 -7.01
N VAL B 68 2.63 5.24 -7.44
CA VAL B 68 3.27 4.96 -8.70
C VAL B 68 2.17 5.01 -9.75
N VAL B 69 2.27 5.98 -10.64
CA VAL B 69 1.15 6.25 -11.53
C VAL B 69 1.24 5.33 -12.72
N HIS B 70 0.07 4.82 -13.07
CA HIS B 70 -0.05 3.93 -14.19
C HIS B 70 -0.95 4.61 -15.18
N ILE B 71 -0.41 4.74 -16.39
CA ILE B 71 -1.11 5.36 -17.49
C ILE B 71 -1.61 4.30 -18.44
N ASP B 72 -2.63 4.66 -19.19
CA ASP B 72 -3.09 3.83 -20.26
C ASP B 72 -2.25 4.11 -21.50
N SER B 73 -1.23 3.29 -21.68
CA SER B 73 -0.34 3.47 -22.80
C SER B 73 -1.06 3.09 -24.09
N GLY B 74 -2.00 2.15 -23.97
CA GLY B 74 -2.68 1.60 -25.12
C GLY B 74 -4.19 1.54 -25.00
N ILE B 75 -4.74 0.34 -25.17
CA ILE B 75 -6.17 0.20 -25.17
C ILE B 75 -6.72 0.64 -23.81
N VAL B 76 -7.90 1.27 -23.81
CA VAL B 76 -8.57 1.60 -22.56
C VAL B 76 -9.15 0.32 -21.92
N LYS B 77 -8.69 0.03 -20.71
CA LYS B 77 -9.17 -1.12 -19.95
C LYS B 77 -10.14 -0.62 -18.88
N GLN B 78 -11.40 -0.48 -19.27
CA GLN B 78 -12.43 -0.01 -18.35
C GLN B 78 -12.89 -1.15 -17.45
N GLU B 79 -12.81 -2.37 -17.96
CA GLU B 79 -13.17 -3.58 -17.22
C GLU B 79 -12.27 -3.80 -15.99
N ARG B 80 -11.04 -3.33 -16.09
CA ARG B 80 -10.03 -3.52 -15.04
C ARG B 80 -9.46 -2.18 -14.60
N ASP B 81 -9.63 -1.88 -13.31
N ASP B 81 -9.73 -1.81 -13.34
CA ASP B 81 -8.98 -0.73 -12.72
CA ASP B 81 -9.21 -0.55 -12.81
C ASP B 81 -7.46 -0.96 -12.72
C ASP B 81 -7.72 -0.72 -12.60
N GLY B 82 -6.69 0.08 -13.05
N GLY B 82 -7.32 -1.97 -12.32
CA GLY B 82 -5.24 -0.03 -13.11
CA GLY B 82 -5.95 -2.29 -12.04
C GLY B 82 -4.62 -0.38 -11.77
C GLY B 82 -5.66 -2.12 -10.56
N PRO B 83 -3.35 -0.78 -11.77
N PRO B 83 -4.61 -2.77 -10.07
CA PRO B 83 -2.76 -1.16 -10.49
CA PRO B 83 -4.13 -2.54 -8.72
C PRO B 83 -2.65 0.00 -9.52
C PRO B 83 -3.63 -1.13 -8.47
N VAL B 84 -2.90 -0.31 -8.24
N VAL B 84 -3.37 -0.85 -7.19
CA VAL B 84 -2.75 0.64 -7.17
CA VAL B 84 -2.88 0.44 -6.74
C VAL B 84 -1.44 0.28 -6.51
C VAL B 84 -1.48 0.24 -6.17
N GLU B 85 -0.44 1.13 -6.73
N GLU B 85 -0.54 1.08 -6.61
CA GLU B 85 0.90 0.85 -6.28
CA GLU B 85 0.86 0.89 -6.31
C GLU B 85 1.43 2.09 -5.57
C GLU B 85 1.43 2.10 -5.57
N PHE B 86 2.03 1.86 -4.39
CA PHE B 86 2.69 2.94 -3.61
C PHE B 86 4.14 2.62 -3.26
N GLN B 87 4.98 3.67 -3.22
CA GLN B 87 6.40 3.47 -3.00
CA GLN B 87 6.42 3.48 -3.01
C GLN B 87 6.95 4.49 -2.01
N HIS B 88 7.94 4.05 -1.24
CA HIS B 88 8.72 4.92 -0.33
C HIS B 88 10.14 4.43 -0.47
N PRO B 89 11.12 5.34 -0.61
CA PRO B 89 12.50 4.80 -0.74
C PRO B 89 12.94 3.88 0.41
N TYR B 90 12.38 4.06 1.60
CA TYR B 90 12.77 3.29 2.77
C TYR B 90 11.75 2.24 3.19
N PHE B 91 10.82 1.89 2.30
CA PHE B 91 9.89 0.78 2.52
C PHE B 91 10.16 -0.28 1.46
N LYS B 92 10.96 -1.26 1.81
CA LYS B 92 11.56 -2.18 0.83
C LYS B 92 11.63 -3.62 1.33
N GLN B 93 11.24 -4.56 0.47
CA GLN B 93 11.17 -5.94 0.85
C GLN B 93 12.55 -6.38 1.28
N GLY B 94 12.64 -7.06 2.42
CA GLY B 94 13.90 -7.57 2.92
C GLY B 94 14.79 -6.54 3.57
N GLN B 95 14.27 -5.34 3.77
CA GLN B 95 15.07 -4.27 4.35
C GLN B 95 14.33 -3.60 5.49
N ASP B 96 13.97 -4.37 6.52
CA ASP B 96 13.10 -3.82 7.56
C ASP B 96 13.88 -2.81 8.41
N ASP B 97 15.21 -2.88 8.34
CA ASP B 97 16.05 -1.93 9.06
C ASP B 97 15.91 -0.49 8.55
N LEU B 98 15.36 -0.30 7.36
CA LEU B 98 15.21 1.02 6.78
C LEU B 98 13.95 1.74 7.28
N LEU B 99 13.02 0.99 7.88
CA LEU B 99 11.72 1.56 8.25
C LEU B 99 11.90 2.73 9.21
N GLU B 100 12.95 2.68 10.02
CA GLU B 100 13.18 3.73 11.01
C GLU B 100 13.48 5.08 10.33
N ASN B 101 13.73 5.07 9.03
CA ASN B 101 14.05 6.31 8.34
C ASN B 101 12.80 7.02 7.84
N ILE B 102 11.67 6.33 7.88
CA ILE B 102 10.40 6.91 7.43
C ILE B 102 9.89 7.84 8.49
N LYS B 103 9.49 9.05 8.11
CA LYS B 103 9.05 10.06 9.06
C LYS B 103 7.66 10.57 8.71
N ARG B 104 6.84 10.76 9.73
CA ARG B 104 5.57 11.45 9.56
C ARG B 104 5.85 12.90 9.24
N LYS B 105 5.15 13.43 8.25
CA LYS B 105 5.40 14.80 7.81
C LYS B 105 5.21 15.94 8.83
N VAL B 106 4.34 15.78 9.83
CA VAL B 106 4.30 16.80 10.90
C VAL B 106 4.05 16.20 12.27
#